data_8OHO
#
_entry.id   8OHO
#
_cell.length_a   118.700
_cell.length_b   39.330
_cell.length_c   68.110
_cell.angle_alpha   90.000
_cell.angle_beta   95.280
_cell.angle_gamma   90.000
#
_symmetry.space_group_name_H-M   'C 1 2 1'
#
loop_
_entity.id
_entity.type
_entity.pdbx_description
1 polymer 'Cyclic di-AMP synthase CdaA'
2 non-polymer "N-cyclopentyl-N'-{[(2R)-oxolan-2-yl]methyl}urea"
3 non-polymer 1-cyclopentyl-3-[[(2~{S})-oxolan-2-yl]methyl]urea
4 non-polymer 'MAGNESIUM ION'
5 water water
#
_entity_poly.entity_id   1
_entity_poly.type   'polypeptide(L)'
_entity_poly.pdbx_seq_one_letter_code
;GPTPVEEAQQKTIEAITKAINYMAKRRIGALLTIERDTGMGDYIETGIPLNAKVSSELLINIFIPNTPLHDGAVIMKNNE
IAAAACYLPLSESPFISKELGTRHRAAVGISEVTDSLTIIVSEETGGVSVAKNGDLHRELTEEALKEMLEAEFK
;
_entity_poly.pdbx_strand_id   A,B
#
loop_
_chem_comp.id
_chem_comp.type
_chem_comp.name
_chem_comp.formula
MG non-polymer 'MAGNESIUM ION' 'Mg 2'
REG non-polymer 1-cyclopentyl-3-[[(2~{S})-oxolan-2-yl]methyl]urea 'C11 H20 N2 O2'
TBJ non-polymer N-cyclopentyl-N'-{[(2R)-oxolan-2-yl]methyl}urea 'C11 H20 N2 O2'
#
# COMPACT_ATOMS: atom_id res chain seq x y z
N VAL A 5 15.72 15.18 12.15
CA VAL A 5 16.28 14.09 11.33
C VAL A 5 16.51 12.84 12.18
N GLU A 6 16.99 13.03 13.42
CA GLU A 6 17.22 11.91 14.31
C GLU A 6 15.89 11.31 14.77
N GLU A 7 14.91 12.16 15.09
CA GLU A 7 13.60 11.66 15.49
C GLU A 7 12.93 10.95 14.34
N ALA A 8 13.20 11.38 13.09
CA ALA A 8 12.61 10.73 11.92
C ALA A 8 13.23 9.37 11.69
N GLN A 9 14.54 9.23 11.92
CA GLN A 9 15.19 7.93 11.74
C GLN A 9 14.70 6.93 12.78
N GLN A 10 14.60 7.36 14.03
CA GLN A 10 14.09 6.45 15.06
C GLN A 10 12.66 6.03 14.76
N LYS A 11 11.82 6.96 14.29
CA LYS A 11 10.44 6.60 13.94
C LYS A 11 10.42 5.53 12.86
N THR A 12 11.30 5.66 11.86
CA THR A 12 11.35 4.66 10.79
C THR A 12 11.84 3.31 11.30
N ILE A 13 12.85 3.32 12.16
CA ILE A 13 13.33 2.07 12.72
C ILE A 13 12.23 1.38 13.51
N GLU A 14 11.46 2.15 14.30
CA GLU A 14 10.37 1.58 15.09
C GLU A 14 9.30 0.99 14.17
N ALA A 15 8.97 1.70 13.10
CA ALA A 15 7.99 1.18 12.15
C ALA A 15 8.46 -0.14 11.52
N ILE A 16 9.73 -0.21 11.11
CA ILE A 16 10.28 -1.42 10.50
C ILE A 16 10.26 -2.58 11.50
N THR A 17 10.74 -2.34 12.72
CA THR A 17 10.84 -3.43 13.67
C THR A 17 9.45 -3.95 14.05
N LYS A 18 8.46 -3.06 14.19
CA LYS A 18 7.10 -3.51 14.49
C LYS A 18 6.55 -4.35 13.34
N ALA A 19 6.80 -3.94 12.10
CA ALA A 19 6.29 -4.73 10.97
C ALA A 19 6.97 -6.09 10.90
N ILE A 20 8.29 -6.12 11.05
CA ILE A 20 9.05 -7.37 11.00
C ILE A 20 8.60 -8.32 12.10
N ASN A 21 8.39 -7.80 13.32
CA ASN A 21 7.90 -8.62 14.42
C ASN A 21 6.56 -9.24 14.07
N TYR A 22 5.64 -8.44 13.52
CA TYR A 22 4.33 -8.98 13.15
C TYR A 22 4.49 -10.12 12.15
N MET A 23 5.31 -9.92 11.11
CA MET A 23 5.48 -10.94 10.08
C MET A 23 6.20 -12.16 10.63
N ALA A 24 7.19 -11.96 11.48
CA ALA A 24 7.91 -13.10 12.03
C ALA A 24 6.96 -14.00 12.81
N LYS A 25 6.07 -13.40 13.59
CA LYS A 25 5.14 -14.19 14.40
C LYS A 25 4.21 -15.04 13.53
N ARG A 26 3.83 -14.49 12.38
CA ARG A 26 2.88 -15.14 11.47
C ARG A 26 3.55 -15.91 10.36
N ARG A 27 4.89 -15.92 10.35
CA ARG A 27 5.64 -16.63 9.32
C ARG A 27 5.24 -16.15 7.94
N ILE A 28 5.13 -14.82 7.80
CA ILE A 28 4.90 -14.15 6.53
C ILE A 28 6.26 -13.79 5.91
N GLY A 29 6.54 -14.37 4.74
CA GLY A 29 7.79 -14.06 4.06
C GLY A 29 7.86 -12.57 3.73
N ALA A 30 9.05 -11.99 3.90
CA ALA A 30 9.25 -10.58 3.57
C ALA A 30 10.69 -10.31 3.15
N LEU A 31 10.86 -9.29 2.34
CA LEU A 31 12.15 -8.91 1.78
C LEU A 31 12.17 -7.41 1.69
N LEU A 32 13.00 -6.76 2.49
CA LEU A 32 12.97 -5.31 2.64
C LEU A 32 14.39 -4.76 2.57
N THR A 33 14.73 -4.11 1.47
CA THR A 33 16.07 -3.57 1.26
C THR A 33 16.09 -2.07 1.52
N ILE A 34 17.09 -1.61 2.26
CA ILE A 34 17.25 -0.19 2.61
C ILE A 34 18.44 0.35 1.87
N GLU A 35 18.20 1.17 0.86
CA GLU A 35 19.30 1.79 0.12
C GLU A 35 20.18 2.63 1.04
N ARG A 36 21.49 2.57 0.80
CA ARG A 36 22.44 3.37 1.56
C ARG A 36 23.16 4.29 0.57
N ASP A 37 24.49 4.19 0.44
CA ASP A 37 25.21 5.11 -0.44
C ASP A 37 25.23 4.64 -1.89
N THR A 38 25.16 3.34 -2.14
CA THR A 38 25.10 2.83 -3.50
C THR A 38 23.68 3.00 -4.02
N GLY A 39 23.51 3.75 -5.11
CA GLY A 39 22.19 3.96 -5.64
C GLY A 39 21.60 2.67 -6.19
N MET A 40 20.31 2.49 -5.98
CA MET A 40 19.65 1.28 -6.46
C MET A 40 18.47 1.60 -7.37
N GLY A 41 18.55 2.72 -8.07
CA GLY A 41 17.48 3.10 -8.95
C GLY A 41 17.13 2.02 -9.96
N ASP A 42 18.15 1.34 -10.48
CA ASP A 42 17.91 0.30 -11.49
C ASP A 42 17.00 -0.80 -10.95
N TYR A 43 17.11 -1.11 -9.67
CA TYR A 43 16.25 -2.13 -9.08
C TYR A 43 14.90 -1.55 -8.68
N ILE A 44 14.89 -0.34 -8.13
CA ILE A 44 13.63 0.35 -7.82
C ILE A 44 12.74 0.40 -9.05
N GLU A 45 13.33 0.59 -10.22
CA GLU A 45 12.56 0.75 -11.44
C GLU A 45 11.90 -0.53 -11.86
N THR A 46 12.33 -1.70 -11.32
CA THR A 46 11.70 -2.95 -11.69
C THR A 46 10.40 -3.23 -10.93
N GLY A 47 10.10 -2.42 -9.91
CA GLY A 47 8.96 -2.65 -9.05
C GLY A 47 7.78 -1.77 -9.37
N ILE A 48 6.81 -1.80 -8.48
CA ILE A 48 5.65 -0.93 -8.54
C ILE A 48 5.99 0.33 -7.75
N PRO A 49 5.92 1.52 -8.35
CA PRO A 49 6.28 2.74 -7.62
C PRO A 49 5.27 3.05 -6.53
N LEU A 50 5.78 3.42 -5.35
CA LEU A 50 4.97 3.90 -4.22
C LEU A 50 5.38 5.28 -3.76
N ASN A 51 6.67 5.50 -3.53
CA ASN A 51 7.15 6.75 -2.92
C ASN A 51 6.29 7.15 -1.72
N ALA A 52 6.05 6.19 -0.85
CA ALA A 52 5.13 6.33 0.26
C ALA A 52 5.85 6.57 1.58
N LYS A 53 5.16 7.23 2.49
CA LYS A 53 5.63 7.35 3.86
C LYS A 53 5.70 5.96 4.49
N VAL A 54 6.74 5.74 5.30
CA VAL A 54 6.84 4.48 6.00
C VAL A 54 5.83 4.43 7.13
N SER A 55 5.19 3.28 7.30
CA SER A 55 4.42 2.97 8.49
C SER A 55 4.52 1.47 8.69
N SER A 56 4.39 1.00 9.93
CA SER A 56 4.32 -0.43 10.13
C SER A 56 3.12 -1.03 9.40
N GLU A 57 2.00 -0.29 9.36
CA GLU A 57 0.78 -0.80 8.75
C GLU A 57 0.96 -1.01 7.26
N LEU A 58 1.57 -0.04 6.58
CA LEU A 58 1.79 -0.20 5.13
C LEU A 58 2.73 -1.35 4.84
N LEU A 59 3.83 -1.46 5.58
CA LEU A 59 4.74 -2.59 5.38
C LEU A 59 4.02 -3.93 5.54
N ILE A 60 3.24 -4.09 6.61
CA ILE A 60 2.46 -5.33 6.77
C ILE A 60 1.53 -5.57 5.59
N ASN A 61 0.74 -4.56 5.20
CA ASN A 61 -0.21 -4.75 4.11
C ASN A 61 0.49 -5.12 2.80
N ILE A 62 1.71 -4.63 2.58
CA ILE A 62 2.43 -4.96 1.35
C ILE A 62 2.70 -6.46 1.29
N PHE A 63 3.16 -7.06 2.40
CA PHE A 63 3.68 -8.42 2.35
C PHE A 63 2.62 -9.50 2.64
N ILE A 64 1.35 -9.17 2.64
CA ILE A 64 0.38 -10.21 2.93
C ILE A 64 0.44 -11.26 1.82
N PRO A 65 0.47 -12.55 2.15
CA PRO A 65 0.56 -13.58 1.10
C PRO A 65 -0.59 -13.52 0.10
N ASN A 66 -0.30 -13.93 -1.13
CA ASN A 66 -1.29 -14.00 -2.21
C ASN A 66 -1.91 -12.63 -2.52
N THR A 67 -1.09 -11.58 -2.46
CA THR A 67 -1.53 -10.25 -2.86
C THR A 67 -0.65 -9.75 -3.99
N PRO A 68 -1.08 -8.71 -4.71
CA PRO A 68 -0.24 -8.22 -5.83
C PRO A 68 1.18 -7.80 -5.42
N LEU A 69 1.35 -7.24 -4.23
CA LEU A 69 2.63 -6.62 -3.89
C LEU A 69 3.58 -7.50 -3.10
N HIS A 70 3.18 -8.71 -2.71
CA HIS A 70 3.96 -9.48 -1.73
C HIS A 70 5.18 -10.16 -2.31
N ASP A 71 5.23 -10.41 -3.62
CA ASP A 71 6.36 -11.11 -4.23
C ASP A 71 7.37 -10.08 -4.70
N GLY A 72 8.62 -10.27 -4.33
CA GLY A 72 9.66 -9.31 -4.63
C GLY A 72 9.99 -8.47 -3.41
N ALA A 73 10.93 -7.57 -3.60
CA ALA A 73 11.47 -6.78 -2.51
C ALA A 73 10.81 -5.42 -2.43
N VAL A 74 10.58 -4.96 -1.22
CA VAL A 74 10.37 -3.55 -0.94
C VAL A 74 11.74 -2.86 -0.87
N ILE A 75 11.90 -1.72 -1.51
CA ILE A 75 13.13 -0.94 -1.43
C ILE A 75 12.78 0.41 -0.83
N MET A 76 13.43 0.73 0.28
CA MET A 76 13.33 2.01 0.96
C MET A 76 14.48 2.92 0.60
N LYS A 77 14.19 4.21 0.49
N LYS A 77 14.18 4.20 0.44
CA LYS A 77 15.19 5.20 0.08
CA LYS A 77 15.13 5.28 0.29
C LYS A 77 14.74 6.57 0.56
C LYS A 77 14.78 6.30 1.36
N ASN A 78 15.67 7.33 1.13
N ASN A 78 15.76 6.66 2.19
CA ASN A 78 15.38 8.65 1.68
CA ASN A 78 15.55 7.40 3.43
C ASN A 78 14.18 8.65 2.60
C ASN A 78 14.09 7.76 3.74
N ASN A 79 14.08 7.60 3.43
N ASN A 79 13.51 7.07 4.72
CA ASN A 79 13.08 7.50 4.49
CA ASN A 79 12.19 7.37 5.29
C ASN A 79 11.67 7.24 3.96
C ASN A 79 11.06 7.29 4.27
N GLU A 80 11.54 6.76 2.72
N GLU A 80 11.28 6.63 3.13
CA GLU A 80 10.25 6.43 2.14
CA GLU A 80 10.23 6.46 2.13
C GLU A 80 10.34 5.03 1.57
C GLU A 80 10.33 5.07 1.54
N ILE A 81 9.18 4.42 1.35
CA ILE A 81 9.10 3.20 0.58
C ILE A 81 9.08 3.59 -0.89
N ALA A 82 10.17 3.35 -1.60
CA ALA A 82 10.27 3.78 -2.98
C ALA A 82 9.41 2.91 -3.89
N ALA A 83 9.49 1.60 -3.75
CA ALA A 83 8.77 0.68 -4.63
C ALA A 83 8.61 -0.65 -3.91
N ALA A 84 7.64 -1.45 -4.37
CA ALA A 84 7.42 -2.81 -3.90
C ALA A 84 7.47 -3.77 -5.08
N ALA A 85 7.59 -5.05 -4.78
CA ALA A 85 7.64 -6.09 -5.79
C ALA A 85 8.81 -5.89 -6.75
N CYS A 86 9.96 -5.48 -6.21
CA CYS A 86 11.13 -5.24 -7.01
C CYS A 86 11.97 -6.51 -7.17
N TYR A 87 12.67 -6.54 -8.29
CA TYR A 87 13.65 -7.59 -8.55
C TYR A 87 14.97 -7.27 -7.84
N LEU A 88 15.60 -8.31 -7.28
CA LEU A 88 16.96 -8.25 -6.76
C LEU A 88 17.72 -9.40 -7.38
N PRO A 89 19.02 -9.25 -7.58
CA PRO A 89 19.82 -10.32 -8.18
C PRO A 89 20.03 -11.46 -7.19
N LEU A 90 19.97 -12.68 -7.70
CA LEU A 90 20.16 -13.85 -6.83
C LEU A 90 21.65 -14.14 -6.68
N SER A 91 22.08 -14.31 -5.43
CA SER A 91 23.46 -14.68 -5.16
C SER A 91 23.74 -16.07 -5.67
N GLU A 92 24.95 -16.27 -6.16
CA GLU A 92 25.50 -17.57 -6.48
C GLU A 92 26.43 -18.08 -5.39
N SER A 93 26.42 -17.45 -4.22
CA SER A 93 27.38 -17.84 -3.18
C SER A 93 27.11 -19.27 -2.72
N PRO A 94 28.13 -20.14 -2.67
CA PRO A 94 27.92 -21.48 -2.14
C PRO A 94 27.91 -21.57 -0.62
N PHE A 95 27.99 -20.43 0.08
CA PHE A 95 28.10 -20.41 1.54
C PHE A 95 26.84 -19.92 2.24
N ILE A 96 25.74 -19.90 1.54
CA ILE A 96 24.44 -19.65 2.15
C ILE A 96 23.89 -20.97 2.62
N SER A 97 23.27 -20.98 3.81
CA SER A 97 22.70 -22.22 4.33
C SER A 97 21.80 -22.86 3.29
N LYS A 98 21.94 -24.18 3.11
CA LYS A 98 21.28 -24.84 2.00
C LYS A 98 19.77 -24.91 2.16
N GLU A 99 19.26 -24.78 3.39
CA GLU A 99 17.82 -24.86 3.58
C GLU A 99 17.11 -23.58 3.16
N LEU A 100 17.85 -22.53 2.78
CA LEU A 100 17.24 -21.26 2.46
C LEU A 100 16.94 -21.16 0.98
N GLY A 101 15.94 -20.35 0.65
CA GLY A 101 15.47 -20.24 -0.71
C GLY A 101 15.69 -18.88 -1.35
N THR A 102 14.77 -18.51 -2.25
CA THR A 102 15.02 -17.42 -3.18
C THR A 102 15.08 -16.07 -2.47
N ARG A 103 14.23 -15.86 -1.47
CA ARG A 103 14.22 -14.58 -0.78
C ARG A 103 15.58 -14.28 -0.17
N HIS A 104 16.15 -15.27 0.50
CA HIS A 104 17.43 -15.07 1.14
C HIS A 104 18.54 -14.93 0.10
N ARG A 105 18.48 -15.70 -0.99
CA ARG A 105 19.51 -15.57 -2.03
C ARG A 105 19.42 -14.22 -2.70
N ALA A 106 18.23 -13.67 -2.85
CA ALA A 106 18.08 -12.34 -3.43
C ALA A 106 18.63 -11.27 -2.48
N ALA A 107 18.38 -11.41 -1.18
CA ALA A 107 18.93 -10.46 -0.21
C ALA A 107 20.46 -10.48 -0.23
N VAL A 108 21.04 -11.69 -0.17
CA VAL A 108 22.49 -11.76 -0.25
C VAL A 108 22.98 -11.19 -1.57
N GLY A 109 22.27 -11.46 -2.66
CA GLY A 109 22.72 -10.99 -3.96
C GLY A 109 22.80 -9.48 -4.06
N ILE A 110 21.76 -8.78 -3.62
CA ILE A 110 21.86 -7.32 -3.67
C ILE A 110 22.95 -6.83 -2.73
N SER A 111 23.15 -7.53 -1.61
CA SER A 111 24.19 -7.12 -0.67
C SER A 111 25.60 -7.31 -1.18
N GLU A 112 25.79 -8.08 -2.24
CA GLU A 112 27.12 -8.32 -2.82
C GLU A 112 27.56 -7.19 -3.74
N VAL A 113 26.60 -6.39 -4.24
CA VAL A 113 26.87 -5.37 -5.23
C VAL A 113 26.42 -3.98 -4.79
N THR A 114 25.96 -3.84 -3.55
CA THR A 114 25.60 -2.56 -2.98
C THR A 114 25.99 -2.58 -1.51
N ASP A 115 25.99 -1.40 -0.87
CA ASP A 115 26.16 -1.30 0.57
C ASP A 115 24.84 -1.29 1.33
N SER A 116 23.77 -1.80 0.71
CA SER A 116 22.45 -1.74 1.30
C SER A 116 22.35 -2.74 2.44
N LEU A 117 21.32 -2.56 3.26
CA LEU A 117 20.98 -3.49 4.33
C LEU A 117 19.62 -4.10 3.98
N THR A 118 19.55 -5.42 3.89
CA THR A 118 18.29 -6.10 3.60
C THR A 118 17.84 -6.96 4.77
N ILE A 119 16.56 -6.89 5.07
CA ILE A 119 15.95 -7.67 6.12
C ILE A 119 15.09 -8.74 5.45
N ILE A 120 15.17 -9.97 5.95
CA ILE A 120 14.39 -11.08 5.40
C ILE A 120 13.61 -11.74 6.53
N VAL A 121 12.32 -12.01 6.28
CA VAL A 121 11.56 -12.88 7.17
C VAL A 121 11.27 -14.18 6.43
N SER A 122 11.67 -15.30 7.02
CA SER A 122 11.42 -16.60 6.41
C SER A 122 9.95 -17.01 6.52
N GLU A 123 9.38 -17.43 5.38
CA GLU A 123 8.03 -17.97 5.41
C GLU A 123 7.97 -19.37 6.02
N GLU A 124 9.11 -20.02 6.13
CA GLU A 124 9.15 -21.36 6.69
C GLU A 124 9.17 -21.33 8.21
N THR A 125 9.97 -20.42 8.81
CA THR A 125 10.16 -20.42 10.24
C THR A 125 9.80 -19.13 10.93
N GLY A 126 9.57 -18.06 10.18
CA GLY A 126 9.46 -16.74 10.77
C GLY A 126 10.77 -16.18 11.28
N GLY A 127 11.88 -16.86 11.02
CA GLY A 127 13.17 -16.32 11.43
C GLY A 127 13.51 -15.05 10.69
N VAL A 128 14.20 -14.15 11.39
CA VAL A 128 14.56 -12.85 10.85
C VAL A 128 16.06 -12.84 10.58
N SER A 129 16.44 -12.45 9.37
CA SER A 129 17.86 -12.33 9.02
C SER A 129 18.16 -11.03 8.30
N VAL A 130 19.43 -10.68 8.23
CA VAL A 130 19.89 -9.47 7.56
C VAL A 130 21.04 -9.81 6.63
N ALA A 131 21.00 -9.27 5.42
CA ALA A 131 22.08 -9.42 4.46
C ALA A 131 22.79 -8.09 4.31
N LYS A 132 24.11 -8.13 4.43
CA LYS A 132 24.98 -6.99 4.25
C LYS A 132 26.35 -7.48 3.82
N ASN A 133 26.93 -6.82 2.83
CA ASN A 133 28.33 -7.07 2.43
C ASN A 133 28.53 -8.50 1.91
N GLY A 134 27.46 -9.19 1.49
CA GLY A 134 27.61 -10.54 0.99
C GLY A 134 27.38 -11.62 2.02
N ASP A 135 27.11 -11.24 3.25
CA ASP A 135 26.90 -12.20 4.32
C ASP A 135 25.48 -12.09 4.85
N LEU A 136 24.96 -13.22 5.31
CA LEU A 136 23.64 -13.33 5.89
C LEU A 136 23.78 -13.61 7.37
N HIS A 137 23.16 -12.79 8.18
CA HIS A 137 23.17 -12.91 9.64
C HIS A 137 21.81 -13.44 10.08
N ARG A 138 21.78 -14.64 10.59
CA ARG A 138 20.55 -15.40 10.72
C ARG A 138 20.06 -15.40 12.16
N GLU A 139 18.77 -15.73 12.29
CA GLU A 139 18.13 -15.97 13.57
C GLU A 139 18.33 -14.82 14.54
N LEU A 140 17.94 -13.64 14.08
CA LEU A 140 18.14 -12.43 14.86
C LEU A 140 17.02 -12.24 15.87
N THR A 141 17.39 -11.78 17.06
CA THR A 141 16.41 -11.29 18.01
C THR A 141 15.95 -9.89 17.60
N GLU A 142 14.86 -9.44 18.21
CA GLU A 142 14.38 -8.07 18.02
C GLU A 142 15.48 -7.08 18.34
N GLU A 143 16.17 -7.31 19.46
CA GLU A 143 17.23 -6.40 19.87
C GLU A 143 18.36 -6.36 18.87
N ALA A 144 18.74 -7.53 18.32
CA ALA A 144 19.83 -7.59 17.36
C ALA A 144 19.49 -6.83 16.08
N LEU A 145 18.26 -7.00 15.61
CA LEU A 145 17.86 -6.27 14.41
C LEU A 145 17.90 -4.75 14.65
N LYS A 146 17.34 -4.30 15.77
CA LYS A 146 17.38 -2.89 16.12
C LYS A 146 18.82 -2.38 16.15
N GLU A 147 19.73 -3.16 16.74
CA GLU A 147 21.13 -2.73 16.80
C GLU A 147 21.71 -2.57 15.40
N MET A 148 21.39 -3.50 14.49
CA MET A 148 21.89 -3.35 13.12
C MET A 148 21.33 -2.13 12.43
N LEU A 149 20.03 -1.87 12.60
CA LEU A 149 19.45 -0.69 11.98
C LEU A 149 20.05 0.58 12.56
N GLU A 150 20.24 0.64 13.87
CA GLU A 150 20.85 1.82 14.50
C GLU A 150 22.29 1.97 14.04
N ALA A 151 23.02 0.87 13.93
CA ALA A 151 24.41 0.95 13.49
C ALA A 151 24.50 1.46 12.06
N GLU A 152 23.55 1.06 11.23
N GLU A 152 23.55 1.07 11.22
CA GLU A 152 23.56 1.39 9.81
CA GLU A 152 23.57 1.47 9.82
C GLU A 152 23.25 2.87 9.58
C GLU A 152 23.39 2.98 9.69
N PRO B 2 -2.63 14.46 -25.96
CA PRO B 2 -3.22 14.66 -24.63
C PRO B 2 -2.15 15.32 -23.78
N THR B 3 -2.49 16.18 -22.82
CA THR B 3 -1.45 16.76 -21.99
C THR B 3 -0.96 15.72 -20.98
N PRO B 4 0.20 15.96 -20.36
CA PRO B 4 0.60 15.06 -19.25
C PRO B 4 -0.43 14.94 -18.15
N VAL B 5 -1.07 16.04 -17.75
CA VAL B 5 -2.10 15.95 -16.71
C VAL B 5 -3.21 15.02 -17.14
N GLU B 6 -3.63 15.11 -18.40
CA GLU B 6 -4.70 14.25 -18.88
C GLU B 6 -4.26 12.79 -18.92
N GLU B 7 -3.05 12.52 -19.39
CA GLU B 7 -2.54 11.16 -19.39
C GLU B 7 -2.42 10.62 -17.96
N ALA B 8 -1.94 11.45 -17.03
CA ALA B 8 -1.85 11.02 -15.64
C ALA B 8 -3.24 10.70 -15.08
N GLN B 9 -4.22 11.53 -15.41
CA GLN B 9 -5.57 11.25 -14.94
C GLN B 9 -6.08 9.92 -15.48
N GLN B 10 -5.82 9.64 -16.76
CA GLN B 10 -6.29 8.38 -17.35
C GLN B 10 -5.62 7.20 -16.66
N LYS B 11 -4.33 7.32 -16.35
CA LYS B 11 -3.65 6.23 -15.64
C LYS B 11 -4.29 5.99 -14.27
N THR B 12 -4.64 7.07 -13.57
CA THR B 12 -5.25 6.92 -12.25
C THR B 12 -6.61 6.23 -12.35
N ILE B 13 -7.42 6.61 -13.34
CA ILE B 13 -8.74 5.99 -13.52
C ILE B 13 -8.58 4.51 -13.82
N GLU B 14 -7.62 4.18 -14.68
CA GLU B 14 -7.35 2.78 -15.02
C GLU B 14 -6.94 2.02 -13.77
N ALA B 15 -6.09 2.61 -12.93
CA ALA B 15 -5.66 1.94 -11.71
C ALA B 15 -6.85 1.70 -10.78
N ILE B 16 -7.68 2.72 -10.60
CA ILE B 16 -8.84 2.59 -9.71
C ILE B 16 -9.80 1.53 -10.23
N THR B 17 -10.15 1.61 -11.53
CA THR B 17 -11.14 0.70 -12.06
C THR B 17 -10.63 -0.75 -12.02
N LYS B 18 -9.34 -0.97 -12.29
CA LYS B 18 -8.81 -2.33 -12.22
C LYS B 18 -8.87 -2.85 -10.79
N ALA B 19 -8.52 -2.00 -9.82
CA ALA B 19 -8.60 -2.41 -8.42
C ALA B 19 -10.03 -2.70 -8.00
N ILE B 20 -10.97 -1.78 -8.32
CA ILE B 20 -12.35 -1.97 -7.93
C ILE B 20 -12.93 -3.23 -8.57
N ASN B 21 -12.61 -3.47 -9.85
CA ASN B 21 -13.13 -4.67 -10.53
C ASN B 21 -12.62 -5.94 -9.86
N TYR B 22 -11.32 -5.96 -9.48
CA TYR B 22 -10.72 -7.10 -8.80
C TYR B 22 -11.40 -7.34 -7.46
N MET B 23 -11.60 -6.27 -6.68
CA MET B 23 -12.24 -6.42 -5.39
C MET B 23 -13.68 -6.85 -5.49
N ALA B 24 -14.44 -6.29 -6.43
CA ALA B 24 -15.83 -6.69 -6.60
C ALA B 24 -15.96 -8.19 -6.87
N LYS B 25 -15.11 -8.72 -7.75
CA LYS B 25 -15.18 -10.14 -8.09
C LYS B 25 -14.94 -11.02 -6.88
N ARG B 26 -14.11 -10.56 -5.93
CA ARG B 26 -13.72 -11.33 -4.76
C ARG B 26 -14.48 -10.94 -3.51
N ARG B 27 -15.44 -10.03 -3.63
CA ARG B 27 -16.24 -9.58 -2.47
C ARG B 27 -15.33 -8.99 -1.39
N ILE B 28 -14.31 -8.26 -1.82
CA ILE B 28 -13.43 -7.53 -0.92
C ILE B 28 -14.07 -6.15 -0.68
N GLY B 29 -14.52 -5.92 0.54
CA GLY B 29 -15.09 -4.63 0.89
C GLY B 29 -14.09 -3.51 0.70
N ALA B 30 -14.54 -2.38 0.17
CA ALA B 30 -13.63 -1.26 -0.04
C ALA B 30 -14.40 0.04 0.03
N LEU B 31 -13.69 1.10 0.38
CA LEU B 31 -14.25 2.43 0.59
C LEU B 31 -13.18 3.42 0.15
N LEU B 32 -13.38 4.08 -0.98
CA LEU B 32 -12.37 4.89 -1.64
C LEU B 32 -12.96 6.25 -1.98
N THR B 33 -12.50 7.29 -1.33
CA THR B 33 -13.02 8.64 -1.52
C THR B 33 -12.00 9.46 -2.27
N ILE B 34 -12.42 10.14 -3.32
CA ILE B 34 -11.57 10.94 -4.17
C ILE B 34 -11.90 12.38 -3.87
N GLU B 35 -10.94 13.12 -3.34
CA GLU B 35 -11.14 14.53 -3.04
C GLU B 35 -11.31 15.28 -4.36
N ARG B 36 -12.21 16.27 -4.33
CA ARG B 36 -12.41 17.17 -5.47
C ARG B 36 -12.08 18.58 -5.00
N ASP B 37 -13.00 19.53 -5.15
CA ASP B 37 -12.68 20.91 -4.79
C ASP B 37 -12.85 21.23 -3.31
N THR B 38 -13.65 20.48 -2.57
CA THR B 38 -13.74 20.68 -1.13
C THR B 38 -12.62 19.90 -0.45
N GLY B 39 -11.74 20.61 0.27
CA GLY B 39 -10.60 19.95 0.91
C GLY B 39 -11.03 18.95 1.97
N MET B 40 -10.35 17.83 1.99
CA MET B 40 -10.65 16.75 2.94
C MET B 40 -9.58 16.54 3.98
N GLY B 41 -8.77 17.58 4.24
CA GLY B 41 -7.66 17.42 5.18
C GLY B 41 -8.08 16.89 6.53
N ASP B 42 -9.20 17.37 7.05
CA ASP B 42 -9.63 16.96 8.39
C ASP B 42 -9.80 15.44 8.47
N TYR B 43 -10.31 14.84 7.41
CA TYR B 43 -10.53 13.40 7.41
C TYR B 43 -9.26 12.64 7.06
N ILE B 44 -8.46 13.17 6.13
CA ILE B 44 -7.17 12.55 5.81
C ILE B 44 -6.33 12.39 7.07
N GLU B 45 -6.34 13.41 7.93
CA GLU B 45 -5.55 13.42 9.15
C GLU B 45 -5.99 12.40 10.18
N THR B 46 -7.17 11.78 10.02
CA THR B 46 -7.60 10.73 10.94
C THR B 46 -7.02 9.36 10.61
N GLY B 47 -6.44 9.20 9.41
CA GLY B 47 -5.96 7.91 8.95
C GLY B 47 -4.45 7.75 9.10
N ILE B 48 -3.95 6.72 8.44
CA ILE B 48 -2.52 6.46 8.39
C ILE B 48 -1.98 7.14 7.15
N PRO B 49 -1.02 8.06 7.28
CA PRO B 49 -0.51 8.75 6.08
C PRO B 49 0.25 7.81 5.17
N LEU B 50 -0.02 7.93 3.87
CA LEU B 50 0.69 7.19 2.83
C LEU B 50 1.36 8.14 1.86
N ASN B 51 0.62 9.10 1.34
CA ASN B 51 1.12 10.01 0.31
C ASN B 51 1.81 9.23 -0.79
N ALA B 52 1.15 8.16 -1.23
CA ALA B 52 1.72 7.18 -2.13
C ALA B 52 1.19 7.36 -3.53
N LYS B 53 2.03 7.09 -4.52
CA LYS B 53 1.53 6.99 -5.89
C LYS B 53 0.49 5.89 -6.01
N VAL B 54 -0.57 6.17 -6.75
CA VAL B 54 -1.63 5.17 -6.88
C VAL B 54 -1.13 4.03 -7.77
N SER B 55 -1.58 2.82 -7.46
CA SER B 55 -1.51 1.68 -8.35
C SER B 55 -2.70 0.78 -8.03
N SER B 56 -3.13 -0.01 -9.01
CA SER B 56 -4.16 -1.00 -8.73
C SER B 56 -3.69 -1.96 -7.66
N GLU B 57 -2.39 -2.29 -7.69
CA GLU B 57 -1.84 -3.27 -6.75
C GLU B 57 -1.87 -2.74 -5.32
N LEU B 58 -1.49 -1.49 -5.10
CA LEU B 58 -1.55 -0.94 -3.75
C LEU B 58 -2.98 -0.83 -3.24
N LEU B 59 -3.90 -0.34 -4.09
CA LEU B 59 -5.31 -0.26 -3.69
C LEU B 59 -5.82 -1.62 -3.22
N ILE B 60 -5.57 -2.67 -4.01
CA ILE B 60 -5.99 -4.01 -3.62
C ILE B 60 -5.35 -4.42 -2.30
N ASN B 61 -4.01 -4.27 -2.19
CA ASN B 61 -3.33 -4.69 -0.97
C ASN B 61 -3.92 -3.98 0.26
N ILE B 62 -4.32 -2.72 0.11
CA ILE B 62 -4.82 -1.95 1.26
C ILE B 62 -6.07 -2.61 1.84
N PHE B 63 -6.97 -3.07 0.99
CA PHE B 63 -8.26 -3.52 1.48
C PHE B 63 -8.36 -5.02 1.74
N ILE B 64 -7.26 -5.75 1.67
CA ILE B 64 -7.37 -7.17 1.98
C ILE B 64 -7.92 -7.38 3.39
N PRO B 65 -8.92 -8.21 3.59
CA PRO B 65 -9.51 -8.31 4.92
C PRO B 65 -8.51 -8.72 5.98
N ASN B 66 -8.76 -8.27 7.21
CA ASN B 66 -8.01 -8.68 8.39
C ASN B 66 -6.58 -8.12 8.38
N THR B 67 -6.37 -7.00 7.71
CA THR B 67 -5.06 -6.36 7.68
C THR B 67 -5.11 -5.00 8.34
N PRO B 68 -3.95 -4.41 8.65
CA PRO B 68 -3.98 -3.12 9.37
C PRO B 68 -4.73 -2.01 8.66
N LEU B 69 -4.69 -1.96 7.34
CA LEU B 69 -5.20 -0.82 6.59
C LEU B 69 -6.61 -1.00 6.05
N HIS B 70 -7.24 -2.15 6.24
CA HIS B 70 -8.43 -2.45 5.45
C HIS B 70 -9.71 -1.79 5.98
N ASP B 71 -9.76 -1.43 7.25
CA ASP B 71 -10.96 -0.78 7.79
C ASP B 71 -10.80 0.71 7.70
N GLY B 72 -11.89 1.38 7.41
CA GLY B 72 -11.88 2.80 7.16
C GLY B 72 -11.67 3.11 5.69
N ALA B 73 -11.65 4.41 5.39
CA ALA B 73 -11.60 4.86 4.01
C ALA B 73 -10.18 5.15 3.54
N VAL B 74 -9.95 4.86 2.27
CA VAL B 74 -8.82 5.42 1.55
C VAL B 74 -9.23 6.77 1.00
N ILE B 75 -8.42 7.79 1.16
CA ILE B 75 -8.73 9.10 0.59
C ILE B 75 -7.63 9.44 -0.39
N MET B 76 -8.01 9.73 -1.63
CA MET B 76 -7.11 10.10 -2.69
C MET B 76 -7.13 11.60 -2.96
N LYS B 77 -5.96 12.14 -3.29
N LYS B 77 -5.95 12.13 -3.29
CA LYS B 77 -5.79 13.48 -3.80
CA LYS B 77 -5.80 13.48 -3.83
C LYS B 77 -5.08 13.37 -5.14
C LYS B 77 -5.11 13.32 -5.18
N ASN B 78 -5.79 13.69 -6.22
N ASN B 78 -5.85 13.53 -6.26
CA ASN B 78 -5.23 13.63 -7.58
CA ASN B 78 -5.33 13.42 -7.63
C ASN B 78 -4.76 12.21 -7.82
C ASN B 78 -4.74 12.02 -7.78
N ASN B 79 -3.48 11.97 -8.09
N ASN B 79 -3.48 11.87 -8.19
CA ASN B 79 -2.97 10.65 -8.42
CA ASN B 79 -2.92 10.54 -8.44
C ASN B 79 -2.27 9.99 -7.24
C ASN B 79 -2.42 9.85 -7.18
N GLU B 80 -2.49 10.51 -6.03
CA GLU B 80 -1.93 9.93 -4.80
C GLU B 80 -2.99 9.39 -3.85
N ILE B 81 -2.62 8.32 -3.16
CA ILE B 81 -3.32 7.83 -1.99
C ILE B 81 -2.80 8.63 -0.80
N ALA B 82 -3.58 9.58 -0.31
CA ALA B 82 -3.13 10.44 0.77
C ALA B 82 -3.05 9.67 2.10
N ALA B 83 -4.07 8.89 2.41
CA ALA B 83 -4.11 8.18 3.68
C ALA B 83 -5.11 7.03 3.54
N ALA B 84 -4.94 6.05 4.41
CA ALA B 84 -5.83 4.90 4.51
C ALA B 84 -6.33 4.77 5.94
N ALA B 85 -7.38 3.97 6.10
CA ALA B 85 -7.97 3.74 7.41
C ALA B 85 -8.49 5.03 8.01
N CYS B 86 -9.07 5.88 7.16
CA CYS B 86 -9.59 7.18 7.57
C CYS B 86 -11.03 7.07 8.06
N TYR B 87 -11.38 7.95 9.00
CA TYR B 87 -12.75 8.12 9.45
C TYR B 87 -13.49 9.04 8.49
N LEU B 88 -14.75 8.71 8.20
CA LEU B 88 -15.70 9.56 7.52
C LEU B 88 -16.96 9.65 8.37
N PRO B 89 -17.71 10.74 8.26
CA PRO B 89 -18.96 10.86 9.03
C PRO B 89 -20.04 9.95 8.47
N LEU B 90 -20.88 9.44 9.35
CA LEU B 90 -21.95 8.54 8.95
C LEU B 90 -23.24 9.30 8.62
N SER B 91 -23.79 9.04 7.42
CA SER B 91 -25.04 9.68 7.03
C SER B 91 -26.21 9.07 7.79
N GLU B 92 -27.19 9.92 8.08
CA GLU B 92 -28.47 9.49 8.62
C GLU B 92 -29.56 9.48 7.55
N SER B 93 -29.17 9.52 6.28
CA SER B 93 -30.16 9.61 5.21
C SER B 93 -31.08 8.40 5.22
N PRO B 94 -32.39 8.58 5.05
CA PRO B 94 -33.30 7.43 4.97
C PRO B 94 -33.29 6.73 3.62
N PHE B 95 -32.55 7.27 2.65
CA PHE B 95 -32.45 6.70 1.31
C PHE B 95 -31.25 5.78 1.13
N ILE B 96 -30.66 5.32 2.23
CA ILE B 96 -29.64 4.29 2.21
C ILE B 96 -30.35 2.97 2.47
N SER B 97 -30.21 2.01 1.56
CA SER B 97 -30.86 0.71 1.69
C SER B 97 -30.56 0.14 3.08
N LYS B 98 -31.59 -0.37 3.75
CA LYS B 98 -31.45 -0.71 5.16
C LYS B 98 -30.48 -1.86 5.38
N GLU B 99 -30.29 -2.72 4.37
CA GLU B 99 -29.35 -3.83 4.50
C GLU B 99 -27.88 -3.41 4.39
N LEU B 100 -27.61 -2.18 3.97
CA LEU B 100 -26.23 -1.74 3.80
C LEU B 100 -25.59 -1.37 5.12
N GLY B 101 -24.27 -1.56 5.17
CA GLY B 101 -23.50 -1.38 6.37
C GLY B 101 -22.77 -0.06 6.45
N THR B 102 -21.74 -0.06 7.30
CA THR B 102 -21.08 1.17 7.69
C THR B 102 -20.35 1.82 6.53
N ARG B 103 -19.76 1.02 5.63
CA ARG B 103 -19.00 1.63 4.54
C ARG B 103 -19.90 2.51 3.68
N HIS B 104 -21.11 2.02 3.38
CA HIS B 104 -22.02 2.82 2.56
C HIS B 104 -22.50 4.06 3.30
N ARG B 105 -22.81 3.93 4.58
CA ARG B 105 -23.25 5.08 5.35
C ARG B 105 -22.14 6.12 5.49
N ALA B 106 -20.90 5.67 5.63
CA ALA B 106 -19.76 6.59 5.65
C ALA B 106 -19.59 7.30 4.32
N ALA B 107 -19.73 6.56 3.22
CA ALA B 107 -19.57 7.17 1.90
C ALA B 107 -20.64 8.24 1.69
N VAL B 108 -21.89 7.91 1.95
CA VAL B 108 -22.91 8.94 1.77
C VAL B 108 -22.64 10.12 2.71
N GLY B 109 -22.20 9.82 3.94
CA GLY B 109 -21.92 10.88 4.91
C GLY B 109 -20.91 11.88 4.39
N ILE B 110 -19.78 11.40 3.88
CA ILE B 110 -18.78 12.37 3.38
C ILE B 110 -19.30 13.11 2.16
N SER B 111 -20.13 12.44 1.35
CA SER B 111 -20.68 13.09 0.18
C SER B 111 -21.72 14.17 0.50
N GLU B 112 -22.25 14.20 1.72
CA GLU B 112 -23.17 15.26 2.14
C GLU B 112 -22.48 16.56 2.53
N VAL B 113 -21.17 16.55 2.79
CA VAL B 113 -20.43 17.71 3.28
C VAL B 113 -19.24 18.05 2.40
N THR B 114 -19.08 17.36 1.29
CA THR B 114 -18.01 17.64 0.34
C THR B 114 -18.55 17.35 -1.05
N ASP B 115 -17.80 17.76 -2.08
CA ASP B 115 -18.08 17.41 -3.46
C ASP B 115 -17.28 16.20 -3.91
N SER B 116 -16.82 15.39 -2.96
CA SER B 116 -15.98 14.26 -3.33
C SER B 116 -16.81 13.17 -3.99
N LEU B 117 -16.12 12.23 -4.64
CA LEU B 117 -16.73 11.05 -5.21
C LEU B 117 -16.21 9.85 -4.42
N THR B 118 -17.10 9.06 -3.85
CA THR B 118 -16.70 7.87 -3.09
C THR B 118 -17.22 6.61 -3.77
N ILE B 119 -16.34 5.63 -3.92
CA ILE B 119 -16.66 4.33 -4.47
C ILE B 119 -16.71 3.34 -3.33
N ILE B 120 -17.71 2.44 -3.36
CA ILE B 120 -17.89 1.43 -2.31
C ILE B 120 -18.01 0.07 -2.99
N VAL B 121 -17.30 -0.93 -2.48
CA VAL B 121 -17.50 -2.32 -2.87
C VAL B 121 -18.12 -3.05 -1.68
N SER B 122 -19.26 -3.70 -1.89
CA SER B 122 -19.92 -4.43 -0.83
C SER B 122 -19.23 -5.78 -0.57
N GLU B 123 -18.90 -6.05 0.71
CA GLU B 123 -18.35 -7.36 1.03
C GLU B 123 -19.41 -8.45 1.02
N GLU B 124 -20.69 -8.08 0.98
CA GLU B 124 -21.77 -9.06 0.97
C GLU B 124 -22.05 -9.56 -0.43
N THR B 125 -22.18 -8.63 -1.38
CA THR B 125 -22.62 -8.96 -2.73
C THR B 125 -21.56 -8.76 -3.79
N GLY B 126 -20.49 -8.02 -3.51
CA GLY B 126 -19.59 -7.54 -4.54
C GLY B 126 -20.10 -6.38 -5.36
N GLY B 127 -21.30 -5.88 -5.06
CA GLY B 127 -21.82 -4.78 -5.83
C GLY B 127 -20.99 -3.53 -5.62
N VAL B 128 -20.92 -2.71 -6.66
CA VAL B 128 -20.16 -1.46 -6.66
C VAL B 128 -21.13 -0.29 -6.66
N SER B 129 -20.89 0.68 -5.77
CA SER B 129 -21.73 1.84 -5.71
C SER B 129 -20.88 3.09 -5.63
N VAL B 130 -21.49 4.24 -5.90
CA VAL B 130 -20.85 5.54 -5.78
C VAL B 130 -21.74 6.47 -4.99
N ALA B 131 -21.15 7.24 -4.08
CA ALA B 131 -21.80 8.28 -3.34
C ALA B 131 -21.29 9.63 -3.82
N LYS B 132 -22.22 10.54 -4.11
CA LYS B 132 -21.91 11.88 -4.59
C LYS B 132 -23.08 12.78 -4.24
N ASN B 133 -22.79 13.90 -3.59
CA ASN B 133 -23.80 14.93 -3.31
C ASN B 133 -25.00 14.36 -2.53
N GLY B 134 -24.73 13.42 -1.64
CA GLY B 134 -25.73 12.89 -0.75
C GLY B 134 -26.55 11.74 -1.32
N ASP B 135 -26.27 11.32 -2.55
CA ASP B 135 -26.99 10.26 -3.23
C ASP B 135 -26.09 9.06 -3.39
N LEU B 136 -26.66 7.89 -3.22
CA LEU B 136 -25.97 6.64 -3.44
C LEU B 136 -26.52 5.99 -4.70
N HIS B 137 -25.64 5.67 -5.64
CA HIS B 137 -25.98 4.98 -6.86
C HIS B 137 -25.39 3.57 -6.85
N ARG B 138 -26.24 2.57 -6.87
CA ARG B 138 -25.82 1.20 -6.59
C ARG B 138 -25.74 0.35 -7.86
N GLU B 139 -25.09 -0.81 -7.70
CA GLU B 139 -25.09 -1.87 -8.71
C GLU B 139 -24.52 -1.41 -10.05
N LEU B 140 -23.42 -0.69 -9.97
CA LEU B 140 -22.82 -0.13 -11.16
C LEU B 140 -22.10 -1.19 -11.97
N THR B 141 -22.24 -1.12 -13.29
CA THR B 141 -21.42 -1.93 -14.20
C THR B 141 -20.00 -1.36 -14.23
N GLU B 142 -19.05 -2.17 -14.69
CA GLU B 142 -17.70 -1.65 -14.85
C GLU B 142 -17.69 -0.43 -15.75
N GLU B 143 -18.49 -0.45 -16.82
CA GLU B 143 -18.52 0.66 -17.76
C GLU B 143 -19.07 1.93 -17.10
N ALA B 144 -20.17 1.79 -16.34
CA ALA B 144 -20.75 2.96 -15.67
C ALA B 144 -19.77 3.59 -14.71
N LEU B 145 -19.03 2.78 -13.94
CA LEU B 145 -18.07 3.35 -13.02
C LEU B 145 -17.00 4.13 -13.77
N LYS B 146 -16.43 3.54 -14.82
N LYS B 146 -16.43 3.53 -14.81
CA LYS B 146 -15.37 4.20 -15.56
CA LYS B 146 -15.36 4.20 -15.55
C LYS B 146 -15.86 5.52 -16.15
C LYS B 146 -15.87 5.48 -16.20
N GLU B 147 -17.05 5.52 -16.75
N GLU B 147 -17.12 5.47 -16.67
CA GLU B 147 -17.62 6.75 -17.29
CA GLU B 147 -17.70 6.67 -17.28
C GLU B 147 -17.82 7.79 -16.21
C GLU B 147 -17.95 7.74 -16.22
N MET B 148 -18.31 7.39 -15.03
N MET B 148 -18.34 7.34 -15.01
CA MET B 148 -18.48 8.33 -13.93
CA MET B 148 -18.52 8.31 -13.93
C MET B 148 -17.16 8.95 -13.54
C MET B 148 -17.20 8.97 -13.58
N LEU B 149 -16.09 8.15 -13.51
N LEU B 149 -16.12 8.18 -13.49
CA LEU B 149 -14.78 8.66 -13.14
CA LEU B 149 -14.82 8.74 -13.16
C LEU B 149 -14.23 9.58 -14.22
C LEU B 149 -14.34 9.68 -14.26
N GLU B 150 -14.43 9.22 -15.49
N GLU B 150 -14.40 9.22 -15.51
CA GLU B 150 -13.96 10.09 -16.58
CA GLU B 150 -13.95 10.06 -16.62
C GLU B 150 -14.71 11.41 -16.58
C GLU B 150 -14.73 11.36 -16.69
N ALA B 151 -16.02 11.39 -16.35
N ALA B 151 -16.01 11.34 -16.31
CA ALA B 151 -16.80 12.62 -16.33
CA ALA B 151 -16.82 12.55 -16.35
C ALA B 151 -16.36 13.52 -15.19
C ALA B 151 -16.49 13.48 -15.20
N GLU B 152 -16.12 12.94 -14.02
N GLU B 152 -16.09 12.93 -14.05
CA GLU B 152 -15.78 13.68 -12.80
CA GLU B 152 -15.81 13.73 -12.87
C GLU B 152 -14.41 14.32 -12.90
C GLU B 152 -14.42 14.35 -12.93
C4 TBJ C . 16.08 4.88 9.33
C5 TBJ C . 15.22 7.83 7.74
C6 TBJ C . 15.04 10.33 7.26
N1 TBJ C . 15.80 9.07 7.23
C7 TBJ C . 15.72 11.37 6.37
C8 TBJ C . 14.64 12.15 5.46
C9 TBJ C . 14.09 13.04 6.27
C10 TBJ C . 15.17 13.36 7.33
O TBJ C . 14.06 7.77 8.22
N TBJ C . 16.02 6.61 7.68
C3 TBJ C . 15.42 5.30 8.22
C2 TBJ C . 15.52 4.10 7.06
C1 TBJ C . 16.17 3.02 7.59
C TBJ C . 16.32 3.29 9.14
O1 TBJ C . 16.28 12.30 7.12
C4 REG D . -1.69 15.42 -12.70
C5 REG D . -4.72 13.88 -11.32
C6 REG D . -6.83 12.67 -10.87
N1 REG D . -5.42 12.60 -11.28
C7 REG D . -7.43 11.27 -10.62
C8 REG D . -8.34 10.83 -11.84
C9 REG D . -9.19 9.94 -11.34
C10 REG D . -9.33 10.30 -9.85
O REG D . -5.36 14.92 -11.00
N REG D . -3.32 13.97 -11.72
C3 REG D . -2.63 15.36 -11.71
C2 REG D . -1.82 15.62 -10.28
C1 REG D . -0.57 15.06 -10.44
C REG D . -0.27 15.10 -11.99
O1 REG D . -8.21 11.33 -9.55
MG MG E . -29.83 0.25 -10.76
#